data_5HZR
#
_entry.id   5HZR
#
_cell.length_a   122.613
_cell.length_b   144.266
_cell.length_c   121.290
_cell.angle_alpha   90.00
_cell.angle_beta   90.00
_cell.angle_gamma   90.00
#
_symmetry.space_group_name_H-M   'C 2 2 21'
#
loop_
_entity.id
_entity.type
_entity.pdbx_description
1 polymer 'SNF2-family ATP dependent chromatin remodeling factor like protein'
2 non-polymer 3-(1-methylpiperidinium-1-yl)propane-1-sulfonate
3 non-polymer 'SODIUM ION'
4 non-polymer 'SULFATE ION'
5 water water
#
_entity_poly.entity_id   1
_entity_poly.type   'polypeptide(L)'
_entity_poly.pdbx_seq_one_letter_code
;IERTAKQRLQALKANDEEAYLKLLDQAKDTRITHLLRQTDGFLKQLASSVRAQQRQAAERYGEQIDIPPDESDIDEDDEE
SGRKIDYYAVAHRIKEEVTEQASILVGGTLKEYQLKGLQWMLSLYNNNLNGILADEMGLGKTIQTISLITYLIEKKHQQG
PYLVIVPLSTLTNWNLEFDKWAPSVAKVVYKGPPNARKMQQEKIRQGKFQVLLTTYEYIIKDRPLLSKIKWFHMIIDEGH
RMKNANSKLSATIQQYYSTRFRLILTGTPLQNNLAELWAMLNFVLPNIFKSAKTFDEWFNTPFANTGGQDKMELTEEEQI
LVIRRLHKVLRPFLLRRLKKDVEKDLPDKTEKVIKCKFSALQARLYKQMVTHQKIAVSDANGGKTGARGLSNMIMQLRKL
CNHPFVFDEVENQMNPANVSNDLLWRTAGKFELLDRILPKYKATGHRVLMFFQMTAIMDIMEDFLRFRGLHYLRLDGTTK
SEDRSELLRQFNQPDSPYFMFLLSTRAGGLGLNLQTADTVIIYDSDWNPHQDLQAQDRAHRIGQKNEVRILRLISSASVE
EKILERARFKLDMDGKVIQAGRFDNKSSETDRDAMLRTLLETADMAESGEQEEMDDDELNMILARNEEELAIFQKLDEER
SRDPIYGTAPGCQGVPRLMTEDELPDIYLNEGNPVEEEVEMALGRGARERTKVKYDDGLTEEQWLMAVDDDEDTPEAAAA
RKAARREKRELN
;
_entity_poly.pdbx_strand_id   A
#
# COMPACT_ATOMS: atom_id res chain seq x y z
N ALA A 14 -47.64 -6.96 5.86
CA ALA A 14 -48.02 -7.36 7.20
C ALA A 14 -49.20 -6.52 7.72
N ASN A 15 -49.15 -6.18 9.01
CA ASN A 15 -50.22 -5.42 9.65
C ASN A 15 -50.04 -3.92 9.43
N ASP A 16 -49.78 -3.51 8.19
CA ASP A 16 -49.38 -2.13 7.91
C ASP A 16 -50.57 -1.35 7.34
N GLU A 17 -51.42 -0.88 8.25
CA GLU A 17 -52.33 0.20 7.91
C GLU A 17 -51.50 1.45 7.68
N GLU A 18 -51.43 1.90 6.42
CA GLU A 18 -50.34 2.76 5.96
C GLU A 18 -50.11 3.97 6.85
N ALA A 19 -51.14 4.44 7.57
CA ALA A 19 -50.93 5.51 8.53
C ALA A 19 -50.05 5.09 9.70
N TYR A 20 -49.65 3.83 9.75
CA TYR A 20 -48.71 3.32 10.75
C TYR A 20 -47.28 3.81 10.53
N LEU A 21 -47.00 4.47 9.41
CA LEU A 21 -45.64 4.96 9.15
C LEU A 21 -45.11 5.78 10.33
N LYS A 22 -46.02 6.33 11.14
CA LYS A 22 -45.64 6.94 12.41
C LYS A 22 -44.95 5.94 13.34
N LEU A 23 -45.20 4.64 13.17
CA LEU A 23 -44.54 3.65 14.02
C LEU A 23 -43.07 3.50 13.64
N LEU A 24 -42.76 3.46 12.34
CA LEU A 24 -41.36 3.52 11.92
C LEU A 24 -40.71 4.81 12.39
N ASP A 25 -41.43 5.93 12.28
CA ASP A 25 -40.88 7.22 12.67
C ASP A 25 -40.69 7.30 14.18
N GLN A 26 -41.62 6.73 14.95
CA GLN A 26 -41.43 6.70 16.40
C GLN A 26 -40.23 5.85 16.78
N ALA A 27 -39.95 4.81 16.01
CA ALA A 27 -38.76 3.99 16.26
C ALA A 27 -37.49 4.72 15.84
N LYS A 28 -37.53 5.40 14.69
CA LYS A 28 -36.37 6.17 14.24
C LYS A 28 -36.03 7.26 15.24
N ASP A 29 -37.05 7.95 15.77
CA ASP A 29 -36.81 8.99 16.77
C ASP A 29 -36.20 8.41 18.04
N THR A 30 -36.67 7.23 18.46
CA THR A 30 -36.10 6.58 19.64
C THR A 30 -34.65 6.18 19.39
N ARG A 31 -34.36 5.70 18.18
CA ARG A 31 -33.00 5.28 17.86
C ARG A 31 -32.07 6.49 17.75
N ILE A 32 -32.52 7.56 17.11
CA ILE A 32 -31.70 8.77 17.02
C ILE A 32 -31.50 9.37 18.40
N THR A 33 -32.59 9.48 19.18
CA THR A 33 -32.47 10.01 20.53
C THR A 33 -31.47 9.21 21.35
N HIS A 34 -31.49 7.88 21.21
CA HIS A 34 -30.54 7.04 21.91
C HIS A 34 -29.11 7.37 21.52
N LEU A 35 -28.85 7.49 20.21
CA LEU A 35 -27.50 7.81 19.75
C LEU A 35 -27.05 9.16 20.28
N LEU A 36 -27.96 10.13 20.37
CA LEU A 36 -27.59 11.46 20.83
C LEU A 36 -27.28 11.45 22.33
N ARG A 37 -28.06 10.72 23.13
CA ARG A 37 -27.83 10.77 24.57
C ARG A 37 -26.56 10.02 24.96
N GLN A 38 -26.25 8.92 24.29
CA GLN A 38 -25.02 8.19 24.61
C GLN A 38 -23.79 9.02 24.24
N THR A 39 -23.78 9.63 23.06
CA THR A 39 -22.64 10.45 22.67
C THR A 39 -22.56 11.73 23.50
N ASP A 40 -23.71 12.28 23.90
CA ASP A 40 -23.70 13.41 24.82
C ASP A 40 -23.10 13.00 26.16
N GLY A 41 -23.50 11.84 26.67
CA GLY A 41 -22.93 11.34 27.91
C GLY A 41 -21.42 11.15 27.82
N PHE A 42 -20.95 10.63 26.68
CA PHE A 42 -19.51 10.46 26.50
C PHE A 42 -18.79 11.81 26.53
N LEU A 43 -19.33 12.80 25.82
CA LEU A 43 -18.68 14.11 25.79
C LEU A 43 -18.80 14.81 27.13
N LYS A 44 -19.97 14.71 27.77
CA LYS A 44 -20.17 15.28 29.09
C LYS A 44 -19.14 14.71 30.07
N GLN A 45 -18.92 13.39 29.99
CA GLN A 45 -17.95 12.75 30.87
C GLN A 45 -16.53 13.21 30.56
N LEU A 46 -16.19 13.27 29.27
CA LEU A 46 -14.86 13.73 28.89
C LEU A 46 -14.59 15.14 29.39
N ALA A 47 -15.59 16.00 29.35
CA ALA A 47 -15.43 17.38 29.79
C ALA A 47 -15.51 17.52 31.31
N SER A 48 -16.12 16.56 32.01
CA SER A 48 -16.29 16.68 33.46
C SER A 48 -14.97 16.49 34.19
N SER A 49 -14.13 15.58 33.72
CA SER A 49 -12.85 15.29 34.38
C SER A 49 -11.93 16.51 34.39
N ILE A 85 -16.64 24.69 24.15
CA ILE A 85 -15.98 23.65 24.93
C ILE A 85 -14.87 23.00 24.10
N ASP A 86 -13.66 22.98 24.66
CA ASP A 86 -12.49 22.44 23.97
C ASP A 86 -12.25 21.02 24.47
N TYR A 87 -12.78 20.03 23.74
CA TYR A 87 -12.61 18.64 24.14
C TYR A 87 -11.20 18.14 23.86
N TYR A 88 -10.48 18.75 22.91
CA TYR A 88 -9.10 18.38 22.67
C TYR A 88 -8.25 18.64 23.91
N ALA A 89 -8.33 19.87 24.44
CA ALA A 89 -7.51 20.24 25.59
C ALA A 89 -7.77 19.33 26.78
N VAL A 90 -9.03 18.92 26.98
CA VAL A 90 -9.32 18.10 28.15
C VAL A 90 -8.95 16.64 27.88
N ALA A 91 -8.98 16.19 26.62
CA ALA A 91 -8.56 14.83 26.33
C ALA A 91 -7.04 14.67 26.40
N HIS A 92 -6.30 15.65 25.90
CA HIS A 92 -4.83 15.61 25.91
C HIS A 92 -4.25 16.48 27.01
N ARG A 93 -4.78 16.38 28.24
CA ARG A 93 -4.35 17.28 29.29
C ARG A 93 -2.91 17.01 29.73
N ILE A 94 -2.42 15.79 29.56
CA ILE A 94 -1.06 15.44 29.95
C ILE A 94 -0.14 15.68 28.76
N LYS A 95 0.83 16.57 28.93
CA LYS A 95 1.74 16.96 27.87
C LYS A 95 3.06 16.18 27.99
N GLU A 96 3.71 15.98 26.85
CA GLU A 96 5.10 15.55 26.83
C GLU A 96 5.71 16.03 25.52
N GLU A 97 6.64 16.97 25.62
CA GLU A 97 7.34 17.46 24.44
C GLU A 97 8.27 16.38 23.89
N VAL A 98 8.29 16.25 22.57
CA VAL A 98 9.21 15.37 21.86
C VAL A 98 10.15 16.23 21.02
N THR A 99 11.45 16.10 21.26
CA THR A 99 12.46 16.87 20.55
C THR A 99 13.25 16.05 19.56
N GLU A 100 13.37 14.74 19.77
CA GLU A 100 14.25 13.91 18.99
C GLU A 100 13.69 12.49 18.94
N GLN A 101 13.85 11.83 17.80
CA GLN A 101 13.38 10.46 17.68
C GLN A 101 14.19 9.55 18.59
N ALA A 102 13.68 8.32 18.77
CA ALA A 102 14.41 7.33 19.55
C ALA A 102 15.73 6.97 18.87
N SER A 103 16.71 6.57 19.69
CA SER A 103 18.02 6.20 19.16
C SER A 103 17.93 5.02 18.21
N ILE A 104 16.93 4.15 18.38
CA ILE A 104 16.80 2.97 17.54
C ILE A 104 15.98 3.23 16.28
N LEU A 105 15.48 4.44 16.08
CA LEU A 105 14.91 4.84 14.80
C LEU A 105 16.07 5.33 13.95
N VAL A 106 16.55 4.45 13.07
CA VAL A 106 17.81 4.64 12.35
C VAL A 106 17.52 4.76 10.86
N GLY A 107 18.28 5.63 10.20
CA GLY A 107 18.15 5.74 8.76
C GLY A 107 17.17 6.83 8.34
N GLY A 108 17.45 8.05 8.76
CA GLY A 108 16.58 9.17 8.45
C GLY A 108 16.25 9.98 9.68
N THR A 109 16.24 11.29 9.53
CA THR A 109 15.83 12.19 10.60
C THR A 109 14.39 12.62 10.34
N LEU A 110 13.54 12.44 11.35
CA LEU A 110 12.17 12.88 11.24
C LEU A 110 12.10 14.35 10.85
N LYS A 111 11.17 14.67 9.96
CA LYS A 111 10.85 16.05 9.70
C LYS A 111 10.17 16.66 10.92
N GLU A 112 10.05 17.99 10.91
CA GLU A 112 9.46 18.68 12.05
C GLU A 112 8.01 18.26 12.27
N TYR A 113 7.21 18.23 11.21
CA TYR A 113 5.81 17.82 11.34
C TYR A 113 5.66 16.35 11.72
N GLN A 114 6.67 15.53 11.42
CA GLN A 114 6.64 14.14 11.86
C GLN A 114 6.98 14.03 13.35
N LEU A 115 7.88 14.89 13.84
CA LEU A 115 8.11 14.96 15.28
C LEU A 115 6.85 15.37 16.00
N LYS A 116 6.11 16.34 15.47
CA LYS A 116 4.88 16.75 16.12
C LYS A 116 3.79 15.69 16.00
N GLY A 117 3.82 14.90 14.93
CA GLY A 117 2.94 13.74 14.87
C GLY A 117 3.30 12.69 15.90
N LEU A 118 4.60 12.43 16.07
CA LEU A 118 5.03 11.49 17.09
C LEU A 118 4.62 12.00 18.46
N GLN A 119 4.82 13.30 18.72
CA GLN A 119 4.41 13.88 19.98
C GLN A 119 2.91 13.71 20.21
N TRP A 120 2.13 13.84 19.14
CA TRP A 120 0.68 13.71 19.29
C TRP A 120 0.26 12.27 19.59
N MET A 121 0.84 11.30 18.88
CA MET A 121 0.54 9.90 19.19
C MET A 121 1.03 9.54 20.59
N LEU A 122 2.14 10.14 21.03
CA LEU A 122 2.59 9.93 22.41
C LEU A 122 1.58 10.49 23.40
N SER A 123 0.89 11.58 23.03
CA SER A 123 -0.16 12.11 23.88
C SER A 123 -1.35 11.16 23.98
N LEU A 124 -1.62 10.39 22.93
CA LEU A 124 -2.64 9.34 23.05
C LEU A 124 -2.22 8.32 24.10
N TYR A 125 -0.95 7.92 24.09
CA TYR A 125 -0.45 6.95 25.05
C TYR A 125 -0.52 7.51 26.47
N ASN A 126 0.01 8.72 26.68
CA ASN A 126 0.07 9.28 28.03
C ASN A 126 -1.32 9.51 28.61
N ASN A 127 -2.29 9.88 27.78
CA ASN A 127 -3.63 10.17 28.25
C ASN A 127 -4.56 8.97 28.13
N ASN A 128 -4.01 7.80 27.81
CA ASN A 128 -4.79 6.56 27.78
C ASN A 128 -5.89 6.61 26.72
N LEU A 129 -5.53 7.07 25.51
CA LEU A 129 -6.48 7.27 24.43
C LEU A 129 -6.18 6.35 23.24
N ASN A 130 -7.22 6.13 22.43
CA ASN A 130 -7.09 5.64 21.06
C ASN A 130 -7.17 6.81 20.09
N GLY A 131 -6.68 6.60 18.87
CA GLY A 131 -6.65 7.75 17.98
C GLY A 131 -6.57 7.40 16.51
N ILE A 132 -6.62 8.45 15.69
CA ILE A 132 -6.66 8.39 14.24
C ILE A 132 -5.63 9.38 13.69
N LEU A 133 -4.64 8.86 12.97
CA LEU A 133 -3.70 9.71 12.24
C LEU A 133 -4.20 9.82 10.81
N ALA A 134 -4.69 11.00 10.44
CA ALA A 134 -5.33 11.21 9.16
C ALA A 134 -4.53 12.16 8.25
N ASP A 135 -3.20 12.16 8.38
CA ASP A 135 -2.37 13.02 7.57
C ASP A 135 -2.58 12.74 6.07
N GLU A 136 -2.51 13.79 5.27
CA GLU A 136 -2.62 13.62 3.83
C GLU A 136 -1.48 12.77 3.30
N MET A 137 -1.75 12.04 2.21
CA MET A 137 -0.73 11.23 1.55
C MET A 137 0.53 12.06 1.29
N GLY A 138 1.68 11.46 1.58
CA GLY A 138 2.95 12.11 1.37
C GLY A 138 3.62 12.60 2.63
N LEU A 139 2.95 12.53 3.78
CA LEU A 139 3.54 12.99 5.03
C LEU A 139 4.26 11.89 5.80
N GLY A 140 4.32 10.69 5.24
CA GLY A 140 5.02 9.58 5.86
C GLY A 140 4.34 9.02 7.10
N LYS A 141 3.04 8.71 7.00
CA LYS A 141 2.35 8.09 8.12
C LYS A 141 3.02 6.76 8.52
N THR A 142 3.55 6.04 7.53
CA THR A 142 4.29 4.82 7.84
C THR A 142 5.51 5.10 8.72
N ILE A 143 6.29 6.12 8.36
CA ILE A 143 7.48 6.45 9.15
C ILE A 143 7.08 6.96 10.53
N GLN A 144 6.03 7.78 10.62
CA GLN A 144 5.59 8.29 11.91
C GLN A 144 5.18 7.17 12.84
N THR A 145 4.52 6.14 12.30
CA THR A 145 4.08 5.02 13.12
C THR A 145 5.26 4.25 13.66
N ILE A 146 6.27 4.00 12.83
CA ILE A 146 7.47 3.32 13.31
C ILE A 146 8.18 4.18 14.34
N SER A 147 8.07 5.51 14.22
CA SER A 147 8.69 6.38 15.22
C SER A 147 7.95 6.28 16.55
N LEU A 148 6.63 6.14 16.52
CA LEU A 148 5.88 5.88 17.75
C LEU A 148 6.29 4.56 18.38
N ILE A 149 6.37 3.51 17.58
CA ILE A 149 6.72 2.19 18.12
C ILE A 149 8.11 2.22 18.75
N THR A 150 9.10 2.77 18.05
CA THR A 150 10.46 2.83 18.60
C THR A 150 10.51 3.71 19.84
N TYR A 151 9.78 4.82 19.85
CA TYR A 151 9.79 5.70 21.02
C TYR A 151 9.19 5.00 22.24
N LEU A 152 8.08 4.29 22.05
CA LEU A 152 7.47 3.58 23.17
C LEU A 152 8.37 2.45 23.66
N ILE A 153 9.05 1.77 22.73
CA ILE A 153 10.00 0.73 23.12
C ILE A 153 11.15 1.33 23.90
N GLU A 154 11.79 2.36 23.33
CA GLU A 154 13.01 2.89 23.92
C GLU A 154 12.72 3.71 25.17
N LYS A 155 11.79 4.67 25.07
CA LYS A 155 11.61 5.63 26.16
C LYS A 155 10.72 5.09 27.27
N LYS A 156 9.68 4.35 26.90
CA LYS A 156 8.69 3.87 27.86
C LYS A 156 8.84 2.40 28.20
N HIS A 157 9.86 1.73 27.64
CA HIS A 157 10.11 0.33 27.91
C HIS A 157 8.89 -0.56 27.61
N GLN A 158 8.09 -0.14 26.63
CA GLN A 158 6.97 -0.94 26.15
C GLN A 158 7.49 -1.82 25.02
N GLN A 159 7.97 -3.01 25.38
CA GLN A 159 8.59 -3.92 24.42
C GLN A 159 7.60 -4.42 23.37
N GLY A 160 6.33 -4.53 23.73
CA GLY A 160 5.32 -5.02 22.80
C GLY A 160 4.37 -6.01 23.46
N PRO A 161 3.70 -6.84 22.65
CA PRO A 161 3.83 -6.89 21.19
C PRO A 161 2.93 -5.88 20.46
N TYR A 162 3.34 -5.46 19.26
CA TYR A 162 2.63 -4.48 18.46
C TYR A 162 1.97 -5.17 17.28
N LEU A 163 0.66 -4.97 17.11
CA LEU A 163 -0.08 -5.57 16.02
C LEU A 163 -0.31 -4.54 14.94
N VAL A 164 0.25 -4.78 13.75
CA VAL A 164 0.20 -3.83 12.63
C VAL A 164 -0.51 -4.49 11.46
N ILE A 165 -1.70 -4.00 11.13
CA ILE A 165 -2.60 -4.60 10.14
C ILE A 165 -2.67 -3.64 8.96
N VAL A 166 -2.28 -4.10 7.78
CA VAL A 166 -2.04 -3.21 6.65
C VAL A 166 -2.67 -3.81 5.40
N PRO A 167 -3.01 -2.97 4.41
CA PRO A 167 -3.49 -3.51 3.13
C PRO A 167 -2.42 -4.41 2.51
N LEU A 168 -2.87 -5.55 1.97
CA LEU A 168 -1.94 -6.49 1.35
C LEU A 168 -1.03 -5.80 0.33
N SER A 169 -1.55 -4.80 -0.37
CA SER A 169 -0.78 -4.15 -1.42
C SER A 169 0.34 -3.28 -0.88
N THR A 170 0.37 -2.99 0.42
CA THR A 170 1.43 -2.19 1.02
C THR A 170 2.28 -2.98 2.02
N LEU A 171 1.95 -4.26 2.25
CA LEU A 171 2.66 -5.08 3.23
C LEU A 171 4.17 -5.07 2.98
N THR A 172 4.57 -5.39 1.75
CA THR A 172 5.98 -5.40 1.38
C THR A 172 6.65 -4.07 1.66
N ASN A 173 5.96 -2.96 1.37
CA ASN A 173 6.51 -1.65 1.68
C ASN A 173 6.70 -1.49 3.19
N TRP A 174 5.67 -1.80 3.97
CA TRP A 174 5.77 -1.75 5.43
C TRP A 174 6.96 -2.56 5.94
N ASN A 175 7.04 -3.81 5.51
CA ASN A 175 8.15 -4.67 5.92
C ASN A 175 9.48 -4.00 5.63
N LEU A 176 9.58 -3.36 4.46
CA LEU A 176 10.83 -2.73 4.07
C LEU A 176 11.13 -1.51 4.91
N GLU A 177 10.10 -0.71 5.23
CA GLU A 177 10.35 0.47 6.07
C GLU A 177 10.78 0.06 7.48
N PHE A 178 10.27 -1.07 7.99
CA PHE A 178 10.70 -1.54 9.31
C PHE A 178 12.16 -1.99 9.29
N ASP A 179 12.57 -2.65 8.21
CA ASP A 179 13.95 -3.09 8.10
C ASP A 179 14.91 -1.92 7.98
N LYS A 180 14.46 -0.82 7.35
CA LYS A 180 15.34 0.34 7.18
C LYS A 180 15.34 1.21 8.42
N TRP A 181 14.16 1.50 8.97
CA TRP A 181 14.04 2.48 10.04
C TRP A 181 14.21 1.90 11.42
N ALA A 182 13.92 0.62 11.64
CA ALA A 182 13.94 0.03 12.97
C ALA A 182 14.47 -1.41 12.90
N PRO A 183 15.71 -1.60 12.46
CA PRO A 183 16.22 -2.96 12.30
C PRO A 183 16.31 -3.72 13.62
N SER A 184 16.50 -3.01 14.73
CA SER A 184 16.63 -3.68 16.02
C SER A 184 15.31 -4.19 16.56
N VAL A 185 14.18 -3.82 15.94
CA VAL A 185 12.87 -4.22 16.44
C VAL A 185 12.49 -5.56 15.81
N ALA A 186 12.41 -6.59 16.65
CA ALA A 186 12.10 -7.93 16.15
C ALA A 186 10.73 -7.97 15.49
N LYS A 187 10.68 -8.49 14.28
CA LYS A 187 9.48 -8.38 13.47
C LYS A 187 9.10 -9.73 12.87
N VAL A 188 7.81 -10.02 12.87
CA VAL A 188 7.28 -11.21 12.20
C VAL A 188 6.28 -10.77 11.14
N VAL A 189 6.49 -11.19 9.89
CA VAL A 189 5.53 -10.95 8.81
C VAL A 189 4.67 -12.20 8.66
N TYR A 190 3.38 -12.06 8.96
CA TYR A 190 2.46 -13.20 9.01
C TYR A 190 1.59 -13.19 7.75
N LYS A 191 2.00 -13.95 6.75
CA LYS A 191 1.32 -13.98 5.45
C LYS A 191 1.57 -15.33 4.80
N GLY A 192 0.99 -15.52 3.62
CA GLY A 192 1.32 -16.64 2.79
C GLY A 192 0.45 -17.86 2.99
N PRO A 193 0.90 -19.00 2.49
CA PRO A 193 0.10 -20.24 2.54
C PRO A 193 0.13 -20.85 3.93
N PRO A 194 -0.87 -21.69 4.25
CA PRO A 194 -0.94 -22.27 5.61
C PRO A 194 0.33 -22.97 6.07
N ASN A 195 1.08 -23.60 5.16
CA ASN A 195 2.33 -24.23 5.58
C ASN A 195 3.45 -23.23 5.83
N ALA A 196 3.35 -22.02 5.27
CA ALA A 196 4.30 -20.97 5.62
C ALA A 196 3.94 -20.30 6.93
N ARG A 197 2.64 -20.29 7.28
CA ARG A 197 2.21 -19.68 8.52
C ARG A 197 2.37 -20.60 9.72
N LYS A 198 2.48 -21.92 9.51
CA LYS A 198 2.74 -22.82 10.63
C LYS A 198 4.14 -22.64 11.18
N MET A 199 5.11 -22.35 10.30
CA MET A 199 6.48 -22.09 10.75
C MET A 199 6.56 -20.84 11.62
N GLN A 200 5.58 -19.95 11.52
CA GLN A 200 5.54 -18.76 12.37
C GLN A 200 4.92 -19.05 13.72
N GLN A 201 4.00 -20.01 13.78
CA GLN A 201 3.18 -20.17 14.98
C GLN A 201 4.02 -20.46 16.22
N GLU A 202 5.13 -21.18 16.06
CA GLU A 202 6.00 -21.45 17.20
C GLU A 202 6.60 -20.16 17.76
N LYS A 203 7.25 -19.38 16.89
CA LYS A 203 7.82 -18.10 17.32
C LYS A 203 6.74 -17.17 17.86
N ILE A 204 5.55 -17.20 17.24
CA ILE A 204 4.47 -16.33 17.66
C ILE A 204 3.93 -16.74 19.02
N ARG A 205 3.69 -18.05 19.21
CA ARG A 205 3.12 -18.53 20.46
C ARG A 205 4.04 -18.21 21.64
N GLN A 206 5.35 -18.40 21.47
CA GLN A 206 6.31 -18.10 22.52
C GLN A 206 6.45 -16.60 22.80
N GLY A 207 5.90 -15.74 21.94
CA GLY A 207 6.01 -14.31 22.12
C GLY A 207 7.36 -13.73 21.81
N LYS A 208 8.24 -14.47 21.14
CA LYS A 208 9.58 -14.00 20.82
C LYS A 208 9.53 -13.15 19.54
N PHE A 209 8.87 -12.00 19.67
CA PHE A 209 8.77 -10.98 18.65
C PHE A 209 8.24 -9.73 19.32
N GLN A 210 8.38 -8.59 18.65
CA GLN A 210 7.81 -7.34 19.13
C GLN A 210 6.77 -6.75 18.20
N VAL A 211 6.93 -6.93 16.88
CA VAL A 211 5.97 -6.45 15.90
C VAL A 211 5.51 -7.62 15.05
N LEU A 212 4.19 -7.81 14.98
CA LEU A 212 3.60 -8.74 14.03
C LEU A 212 2.92 -7.94 12.94
N LEU A 213 3.42 -8.06 11.71
CA LEU A 213 2.91 -7.36 10.55
C LEU A 213 2.06 -8.33 9.73
N THR A 214 0.78 -8.00 9.54
CA THR A 214 -0.11 -8.89 8.81
C THR A 214 -1.18 -8.08 8.09
N THR A 215 -2.15 -8.77 7.52
CA THR A 215 -3.25 -8.17 6.78
C THR A 215 -4.58 -8.57 7.40
N TYR A 216 -5.64 -7.86 6.97
CA TYR A 216 -6.97 -8.08 7.51
C TYR A 216 -7.38 -9.53 7.38
N GLU A 217 -6.97 -10.16 6.29
CA GLU A 217 -7.37 -11.54 5.99
C GLU A 217 -6.97 -12.49 7.11
N TYR A 218 -5.71 -12.42 7.56
CA TYR A 218 -5.25 -13.38 8.55
C TYR A 218 -5.71 -13.02 9.96
N ILE A 219 -5.99 -11.74 10.21
CA ILE A 219 -6.64 -11.36 11.45
C ILE A 219 -7.93 -12.15 11.62
N ILE A 220 -8.67 -12.31 10.53
CA ILE A 220 -9.93 -13.05 10.56
C ILE A 220 -9.67 -14.55 10.53
N LYS A 221 -8.93 -15.01 9.52
CA LYS A 221 -8.80 -16.45 9.29
C LYS A 221 -8.03 -17.14 10.43
N ASP A 222 -6.99 -16.49 10.94
CA ASP A 222 -6.14 -17.09 11.97
C ASP A 222 -6.38 -16.49 13.35
N ARG A 223 -7.59 -16.00 13.58
CA ARG A 223 -7.95 -15.45 14.88
C ARG A 223 -7.70 -16.41 16.04
N PRO A 224 -7.99 -17.71 15.94
CA PRO A 224 -7.69 -18.60 17.08
C PRO A 224 -6.24 -18.56 17.54
N LEU A 225 -5.29 -18.27 16.66
CA LEU A 225 -3.90 -18.15 17.04
C LEU A 225 -3.55 -16.74 17.48
N LEU A 226 -3.96 -15.74 16.71
CA LEU A 226 -3.53 -14.36 16.97
C LEU A 226 -4.28 -13.71 18.12
N SER A 227 -5.50 -14.16 18.40
CA SER A 227 -6.25 -13.53 19.49
C SER A 227 -5.87 -14.09 20.85
N LYS A 228 -5.04 -15.13 20.91
CA LYS A 228 -4.52 -15.60 22.19
C LYS A 228 -3.48 -14.65 22.75
N ILE A 229 -2.92 -13.77 21.92
CA ILE A 229 -1.85 -12.89 22.34
C ILE A 229 -2.43 -11.65 23.01
N LYS A 230 -1.86 -11.27 24.14
CA LYS A 230 -2.19 -10.02 24.82
C LYS A 230 -1.43 -8.88 24.15
N TRP A 231 -2.09 -8.19 23.22
CA TRP A 231 -1.43 -7.14 22.45
C TRP A 231 -1.30 -5.86 23.25
N PHE A 232 -0.14 -5.21 23.12
CA PHE A 232 0.02 -3.87 23.67
C PHE A 232 -0.63 -2.82 22.77
N HIS A 233 -0.37 -2.89 21.46
CA HIS A 233 -0.82 -1.86 20.54
C HIS A 233 -1.37 -2.53 19.28
N MET A 234 -2.46 -1.97 18.75
CA MET A 234 -3.03 -2.45 17.48
C MET A 234 -3.16 -1.25 16.55
N ILE A 235 -2.41 -1.28 15.45
CA ILE A 235 -2.41 -0.21 14.46
C ILE A 235 -3.01 -0.77 13.18
N ILE A 236 -4.05 -0.10 12.69
CA ILE A 236 -4.72 -0.50 11.46
C ILE A 236 -4.50 0.59 10.42
N ASP A 237 -3.75 0.25 9.37
CA ASP A 237 -3.56 1.14 8.24
C ASP A 237 -4.67 0.86 7.24
N GLU A 238 -5.60 1.80 7.09
CA GLU A 238 -6.70 1.66 6.15
C GLU A 238 -6.36 2.22 4.77
N GLY A 239 -5.08 2.45 4.48
CA GLY A 239 -4.66 3.11 3.26
C GLY A 239 -5.26 4.50 3.17
N HIS A 240 -5.25 5.04 1.96
CA HIS A 240 -6.07 6.22 1.69
C HIS A 240 -7.53 5.84 1.62
N ARG A 241 -7.82 4.58 1.26
CA ARG A 241 -9.12 4.20 0.71
C ARG A 241 -10.23 4.23 1.76
N MET A 242 -10.06 3.47 2.84
CA MET A 242 -11.16 3.07 3.71
C MET A 242 -12.37 2.60 2.89
N SER A 247 -15.30 -5.23 6.63
CA SER A 247 -16.65 -5.50 7.10
C SER A 247 -16.67 -6.50 8.25
N LYS A 248 -16.32 -7.75 7.95
CA LYS A 248 -16.18 -8.76 8.99
C LYS A 248 -15.09 -8.40 10.00
N LEU A 249 -14.12 -7.58 9.60
CA LEU A 249 -12.92 -7.39 10.42
C LEU A 249 -13.24 -6.69 11.74
N SER A 250 -14.07 -5.66 11.66
CA SER A 250 -14.44 -4.88 12.84
C SER A 250 -15.10 -5.74 13.91
N ALA A 251 -15.94 -6.70 13.50
CA ALA A 251 -16.58 -7.62 14.44
C ALA A 251 -15.56 -8.56 15.07
N THR A 252 -14.61 -9.05 14.27
CA THR A 252 -13.61 -9.98 14.79
C THR A 252 -12.73 -9.30 15.83
N ILE A 253 -12.35 -8.06 15.57
CA ILE A 253 -11.49 -7.33 16.51
C ILE A 253 -12.25 -7.02 17.80
N GLN A 254 -13.51 -6.58 17.67
CA GLN A 254 -14.31 -6.19 18.83
C GLN A 254 -14.48 -7.34 19.81
N GLN A 255 -14.58 -8.57 19.32
CA GLN A 255 -14.97 -9.70 20.14
C GLN A 255 -13.81 -10.53 20.68
N TYR A 256 -12.71 -10.66 19.93
CA TYR A 256 -11.69 -11.64 20.27
C TYR A 256 -10.31 -11.06 20.54
N TYR A 257 -10.03 -9.83 20.12
CA TYR A 257 -8.68 -9.28 20.18
C TYR A 257 -8.54 -8.38 21.38
N SER A 258 -7.54 -8.66 22.21
CA SER A 258 -7.25 -7.87 23.39
C SER A 258 -6.04 -7.00 23.13
N THR A 259 -6.24 -5.69 23.14
CA THR A 259 -5.14 -4.75 22.96
C THR A 259 -5.31 -3.62 23.96
N ARG A 260 -4.19 -3.01 24.35
CA ARG A 260 -4.28 -1.89 25.28
C ARG A 260 -4.43 -0.55 24.58
N PHE A 261 -3.92 -0.40 23.35
CA PHE A 261 -4.03 0.85 22.61
C PHE A 261 -4.41 0.55 21.17
N ARG A 262 -5.03 1.55 20.52
CA ARG A 262 -5.46 1.41 19.14
C ARG A 262 -5.17 2.68 18.37
N LEU A 263 -4.77 2.51 17.10
CA LEU A 263 -4.48 3.62 16.22
C LEU A 263 -4.94 3.28 14.81
N ILE A 264 -5.65 4.20 14.18
CA ILE A 264 -6.05 4.07 12.78
C ILE A 264 -5.20 5.03 11.95
N LEU A 265 -4.67 4.53 10.84
CA LEU A 265 -4.05 5.36 9.81
C LEU A 265 -5.00 5.51 8.63
N THR A 266 -5.42 6.73 8.36
CA THR A 266 -6.20 7.02 7.16
C THR A 266 -5.60 8.22 6.45
N GLY A 267 -5.97 8.38 5.18
CA GLY A 267 -5.42 9.46 4.37
C GLY A 267 -6.40 10.59 4.08
N THR A 268 -7.67 10.39 4.44
CA THR A 268 -8.71 11.37 4.18
C THR A 268 -9.26 11.92 5.50
N PRO A 269 -9.86 13.09 5.47
CA PRO A 269 -10.54 13.59 6.68
C PRO A 269 -11.79 12.75 6.95
N LEU A 270 -12.38 12.97 8.13
CA LEU A 270 -13.63 12.30 8.48
C LEU A 270 -14.67 12.55 7.40
N GLN A 271 -15.18 11.47 6.81
CA GLN A 271 -16.06 11.57 5.66
C GLN A 271 -17.52 11.73 6.10
N ASN A 272 -18.40 11.85 5.11
CA ASN A 272 -19.83 11.94 5.33
C ASN A 272 -20.54 10.59 5.13
N ASN A 273 -19.82 9.49 5.29
CA ASN A 273 -20.40 8.16 5.17
C ASN A 273 -20.69 7.63 6.58
N LEU A 274 -21.97 7.39 6.86
CA LEU A 274 -22.37 6.91 8.18
C LEU A 274 -21.73 5.57 8.50
N ALA A 275 -21.70 4.66 7.53
CA ALA A 275 -21.14 3.34 7.78
C ALA A 275 -19.66 3.44 8.17
N GLU A 276 -18.89 4.27 7.47
CA GLU A 276 -17.46 4.39 7.77
C GLU A 276 -17.22 5.08 9.10
N LEU A 277 -17.96 6.17 9.36
CA LEU A 277 -17.84 6.86 10.65
C LEU A 277 -18.19 5.91 11.79
N TRP A 278 -19.27 5.16 11.63
CA TRP A 278 -19.72 4.23 12.67
C TRP A 278 -18.64 3.18 12.96
N ALA A 279 -18.07 2.60 11.91
CA ALA A 279 -17.02 1.60 12.10
C ALA A 279 -15.80 2.21 12.79
N MET A 280 -15.45 3.44 12.42
CA MET A 280 -14.33 4.12 13.08
C MET A 280 -14.63 4.39 14.55
N LEU A 281 -15.82 4.94 14.82
CA LEU A 281 -16.20 5.25 16.20
C LEU A 281 -16.11 4.02 17.08
N ASN A 282 -16.64 2.90 16.62
CA ASN A 282 -16.70 1.71 17.46
C ASN A 282 -15.35 1.00 17.56
N PHE A 283 -14.39 1.35 16.72
CA PHE A 283 -13.02 0.87 16.92
C PHE A 283 -12.25 1.80 17.86
N VAL A 284 -12.37 3.11 17.66
CA VAL A 284 -11.63 4.05 18.50
C VAL A 284 -12.27 4.18 19.88
N LEU A 285 -13.61 4.25 19.92
CA LEU A 285 -14.35 4.45 21.17
C LEU A 285 -15.35 3.32 21.35
N PRO A 286 -14.87 2.10 21.61
CA PRO A 286 -15.79 0.94 21.60
C PRO A 286 -16.81 0.94 22.72
N ASN A 287 -16.59 1.64 23.82
CA ASN A 287 -17.48 1.48 24.96
C ASN A 287 -18.72 2.34 24.88
N ILE A 288 -18.83 3.26 23.92
CA ILE A 288 -20.03 4.09 23.84
C ILE A 288 -21.23 3.23 23.47
N PHE A 289 -21.11 2.45 22.40
CA PHE A 289 -22.21 1.61 21.94
C PHE A 289 -21.95 0.12 22.05
N LYS A 290 -20.68 -0.30 22.08
CA LYS A 290 -20.31 -1.70 22.32
C LYS A 290 -21.00 -2.64 21.33
N SER A 291 -20.91 -2.31 20.05
CA SER A 291 -21.56 -3.14 19.04
C SER A 291 -20.62 -3.36 17.87
N ALA A 292 -20.64 -4.59 17.35
CA ALA A 292 -19.83 -4.99 16.22
C ALA A 292 -20.61 -4.99 14.92
N LYS A 293 -21.83 -4.46 14.92
CA LYS A 293 -22.64 -4.42 13.71
C LYS A 293 -22.43 -3.11 12.96
N THR A 294 -22.72 -3.15 11.66
CA THR A 294 -22.67 -1.96 10.84
C THR A 294 -23.68 -0.92 11.35
N PHE A 295 -23.58 0.30 10.83
CA PHE A 295 -24.53 1.32 11.25
C PHE A 295 -25.96 0.93 10.88
N ASP A 296 -26.16 0.49 9.64
CA ASP A 296 -27.51 0.11 9.21
C ASP A 296 -28.09 -0.98 10.09
N GLU A 297 -27.29 -2.01 10.38
CA GLU A 297 -27.75 -3.08 11.27
C GLU A 297 -28.07 -2.54 12.66
N TRP A 298 -27.15 -1.75 13.22
CA TRP A 298 -27.38 -1.18 14.55
C TRP A 298 -28.63 -0.31 14.55
N PHE A 299 -28.78 0.55 13.54
CA PHE A 299 -29.90 1.48 13.52
C PHE A 299 -31.23 0.75 13.40
N ASN A 300 -31.26 -0.38 12.69
CA ASN A 300 -32.50 -1.10 12.38
C ASN A 300 -32.76 -2.30 13.29
N THR A 301 -31.98 -2.48 14.36
CA THR A 301 -32.24 -3.61 15.25
C THR A 301 -33.63 -3.59 15.88
N PRO A 302 -34.30 -2.44 16.10
CA PRO A 302 -35.73 -2.47 16.48
C PRO A 302 -36.59 -3.44 15.68
N PHE A 303 -36.29 -3.61 14.40
CA PHE A 303 -37.06 -4.51 13.54
C PHE A 303 -36.18 -5.66 13.07
N ALA A 304 -35.75 -6.48 14.02
CA ALA A 304 -34.94 -7.65 13.72
C ALA A 304 -35.76 -8.92 13.86
N GLN A 309 -40.60 -5.73 9.13
CA GLN A 309 -39.15 -5.69 8.98
C GLN A 309 -38.73 -4.88 7.76
N ASP A 310 -38.73 -3.55 7.89
CA ASP A 310 -38.36 -2.67 6.80
C ASP A 310 -37.29 -1.68 7.26
N LYS A 311 -36.38 -1.35 6.36
CA LYS A 311 -35.29 -0.43 6.68
C LYS A 311 -35.86 0.93 7.05
N MET A 312 -35.58 1.37 8.27
CA MET A 312 -35.86 2.75 8.65
C MET A 312 -34.92 3.68 7.91
N GLU A 313 -35.46 4.72 7.30
CA GLU A 313 -34.68 5.65 6.49
C GLU A 313 -34.55 6.99 7.20
N LEU A 314 -33.35 7.55 7.16
CA LEU A 314 -33.10 8.88 7.71
C LEU A 314 -33.31 9.93 6.63
N THR A 315 -33.95 11.04 7.00
CA THR A 315 -34.00 12.18 6.10
C THR A 315 -32.58 12.70 5.88
N GLU A 316 -32.44 13.60 4.90
CA GLU A 316 -31.12 14.18 4.62
C GLU A 316 -30.59 14.92 5.84
N GLU A 317 -31.45 15.70 6.51
CA GLU A 317 -31.00 16.44 7.68
C GLU A 317 -30.74 15.53 8.87
N GLU A 318 -31.46 14.41 8.98
CA GLU A 318 -31.17 13.47 10.05
C GLU A 318 -29.80 12.82 9.85
N GLN A 319 -29.46 12.49 8.61
CA GLN A 319 -28.12 11.96 8.34
C GLN A 319 -27.05 12.96 8.75
N ILE A 320 -27.19 14.20 8.29
CA ILE A 320 -26.22 15.24 8.63
C ILE A 320 -26.15 15.42 10.15
N LEU A 321 -27.31 15.37 10.81
CA LEU A 321 -27.35 15.45 12.27
C LEU A 321 -26.49 14.37 12.90
N VAL A 322 -26.64 13.12 12.44
CA VAL A 322 -25.85 12.02 12.99
C VAL A 322 -24.38 12.15 12.61
N ILE A 323 -24.11 12.57 11.36
CA ILE A 323 -22.72 12.69 10.91
C ILE A 323 -21.95 13.68 11.76
N ARG A 324 -22.55 14.85 12.01
CA ARG A 324 -21.83 15.88 12.77
C ARG A 324 -21.55 15.46 14.20
N ARG A 325 -22.50 14.74 14.83
CA ARG A 325 -22.25 14.29 16.19
C ARG A 325 -21.12 13.27 16.23
N LEU A 326 -21.11 12.33 15.28
CA LEU A 326 -20.02 11.36 15.23
C LEU A 326 -18.69 12.06 14.92
N HIS A 327 -18.70 13.07 14.06
CA HIS A 327 -17.49 13.86 13.84
C HIS A 327 -17.04 14.51 15.14
N LYS A 328 -17.96 15.18 15.84
CA LYS A 328 -17.58 15.92 17.04
C LYS A 328 -17.00 15.00 18.10
N VAL A 329 -17.55 13.79 18.22
CA VAL A 329 -17.08 12.84 19.21
C VAL A 329 -15.67 12.35 18.87
N LEU A 330 -15.37 12.21 17.58
CA LEU A 330 -14.07 11.69 17.16
C LEU A 330 -12.99 12.75 17.04
N ARG A 331 -13.38 14.02 16.91
CA ARG A 331 -12.42 15.09 16.61
C ARG A 331 -11.26 15.17 17.61
N PRO A 332 -11.48 15.15 18.93
CA PRO A 332 -10.32 15.24 19.85
C PRO A 332 -9.33 14.10 19.71
N PHE A 333 -9.66 13.05 18.96
CA PHE A 333 -8.80 11.89 18.81
C PHE A 333 -8.24 11.77 17.40
N LEU A 334 -8.32 12.85 16.62
CA LEU A 334 -7.94 12.88 15.22
C LEU A 334 -6.83 13.91 15.05
N LEU A 335 -5.80 13.57 14.28
CA LEU A 335 -4.79 14.52 13.85
C LEU A 335 -4.66 14.45 12.33
N ARG A 336 -4.72 15.61 11.68
CA ARG A 336 -4.57 15.66 10.22
C ARG A 336 -3.85 16.94 9.81
N ARG A 337 -2.70 16.78 9.19
CA ARG A 337 -1.97 17.89 8.60
C ARG A 337 -2.01 17.77 7.08
N LEU A 338 -2.00 18.91 6.41
CA LEU A 338 -2.07 18.96 4.96
C LEU A 338 -0.69 19.17 4.35
N LYS A 339 -0.51 18.63 3.15
CA LYS A 339 0.76 18.77 2.45
C LYS A 339 1.08 20.24 2.18
N LYS A 340 0.06 21.06 1.94
CA LYS A 340 0.30 22.46 1.58
C LYS A 340 0.75 23.29 2.78
N ASP A 341 0.60 22.78 4.00
CA ASP A 341 0.99 23.48 5.21
C ASP A 341 2.33 23.00 5.76
N VAL A 342 2.96 22.02 5.13
CA VAL A 342 4.26 21.52 5.54
C VAL A 342 5.15 21.39 4.31
N GLU A 343 4.75 22.07 3.23
CA GLU A 343 5.42 21.90 1.94
C GLU A 343 6.91 22.24 2.02
N LYS A 344 7.26 23.26 2.80
CA LYS A 344 8.66 23.63 2.92
C LYS A 344 9.48 22.56 3.62
N ASP A 345 8.83 21.69 4.41
CA ASP A 345 9.55 20.72 5.22
C ASP A 345 9.49 19.31 4.67
N LEU A 346 8.72 19.05 3.61
CA LEU A 346 8.64 17.73 2.98
C LEU A 346 10.02 17.14 2.70
N PRO A 347 10.15 15.81 2.73
CA PRO A 347 11.49 15.20 2.66
C PRO A 347 12.11 15.25 1.26
N ASP A 348 13.39 14.90 1.23
CA ASP A 348 14.18 15.01 0.01
C ASP A 348 13.81 13.89 -0.97
N LYS A 349 14.04 12.65 -0.58
CA LYS A 349 13.66 11.51 -1.38
C LYS A 349 12.81 10.57 -0.55
N THR A 350 11.77 10.03 -1.17
CA THR A 350 10.94 9.00 -0.59
C THR A 350 10.93 7.81 -1.53
N GLU A 351 10.85 6.62 -0.96
CA GLU A 351 10.91 5.37 -1.70
C GLU A 351 9.60 4.60 -1.53
N LYS A 352 9.00 4.13 -2.63
CA LYS A 352 7.82 3.30 -2.56
C LYS A 352 8.07 1.98 -3.30
N VAL A 353 7.66 0.88 -2.68
CA VAL A 353 7.57 -0.40 -3.38
C VAL A 353 6.27 -0.44 -4.16
N ILE A 354 6.33 -0.85 -5.42
CA ILE A 354 5.15 -1.03 -6.25
C ILE A 354 5.05 -2.50 -6.65
N LYS A 355 4.01 -3.17 -6.15
CA LYS A 355 3.73 -4.56 -6.50
C LYS A 355 3.13 -4.67 -7.90
N CYS A 356 3.57 -5.68 -8.64
CA CYS A 356 3.16 -5.86 -10.03
C CYS A 356 2.58 -7.26 -10.22
N LYS A 357 1.49 -7.33 -11.00
CA LYS A 357 0.89 -8.60 -11.36
C LYS A 357 1.79 -9.42 -12.28
N PHE A 358 1.52 -10.72 -12.32
CA PHE A 358 1.99 -11.61 -13.37
C PHE A 358 1.00 -11.56 -14.53
N SER A 359 1.50 -11.69 -15.74
CA SER A 359 0.60 -12.03 -16.82
C SER A 359 0.25 -13.51 -16.73
N ALA A 360 -0.73 -13.94 -17.52
CA ALA A 360 -1.08 -15.36 -17.53
C ALA A 360 0.09 -16.20 -18.00
N LEU A 361 0.95 -15.63 -18.84
CA LEU A 361 2.10 -16.35 -19.34
C LEU A 361 3.15 -16.51 -18.24
N GLN A 362 3.45 -15.42 -17.53
CA GLN A 362 4.34 -15.50 -16.37
C GLN A 362 3.80 -16.47 -15.34
N ALA A 363 2.51 -16.37 -15.02
CA ALA A 363 1.92 -17.22 -13.99
C ALA A 363 2.04 -18.70 -14.37
N ARG A 364 1.74 -19.03 -15.62
CA ARG A 364 1.85 -20.40 -16.09
C ARG A 364 3.29 -20.89 -16.00
N LEU A 365 4.23 -20.12 -16.55
CA LEU A 365 5.63 -20.52 -16.53
C LEU A 365 6.15 -20.64 -15.10
N TYR A 366 5.72 -19.73 -14.22
CA TYR A 366 6.21 -19.74 -12.85
C TYR A 366 5.77 -21.00 -12.11
N LYS A 367 4.49 -21.36 -12.22
CA LYS A 367 4.00 -22.57 -11.58
C LYS A 367 4.73 -23.81 -12.10
N GLN A 368 4.96 -23.87 -13.41
CA GLN A 368 5.63 -25.03 -13.99
C GLN A 368 7.07 -25.12 -13.50
N MET A 369 7.81 -24.02 -13.56
CA MET A 369 9.20 -24.00 -13.10
C MET A 369 9.30 -24.47 -11.66
N VAL A 370 8.49 -23.88 -10.77
CA VAL A 370 8.54 -24.24 -9.36
C VAL A 370 8.27 -25.72 -9.16
N THR A 371 7.26 -26.25 -9.86
CA THR A 371 6.94 -27.67 -9.74
C THR A 371 8.11 -28.54 -10.16
N HIS A 372 8.70 -28.27 -11.32
CA HIS A 372 9.86 -29.02 -11.77
C HIS A 372 11.03 -28.90 -10.79
N GLN A 373 11.14 -27.75 -10.12
CA GLN A 373 12.29 -27.51 -9.25
C GLN A 373 12.19 -28.32 -7.95
N LYS A 374 10.97 -28.46 -7.41
CA LYS A 374 10.80 -29.24 -6.18
C LYS A 374 11.14 -30.72 -6.39
N ILE A 375 11.06 -31.21 -7.62
CA ILE A 375 11.47 -32.58 -7.91
C ILE A 375 12.96 -32.77 -7.60
N ALA A 376 13.77 -31.76 -7.89
CA ALA A 376 15.20 -31.83 -7.67
C ALA A 376 15.55 -31.71 -6.18
N ALA A 387 26.34 -26.78 -4.68
CA ALA A 387 25.21 -26.39 -3.85
C ALA A 387 24.55 -25.13 -4.41
N ARG A 388 25.18 -24.54 -5.42
CA ARG A 388 24.63 -23.37 -6.10
C ARG A 388 23.81 -23.73 -7.33
N GLY A 389 23.51 -25.01 -7.53
CA GLY A 389 22.47 -25.38 -8.47
C GLY A 389 21.10 -24.93 -8.01
N LEU A 390 20.93 -24.69 -6.71
CA LEU A 390 19.74 -24.05 -6.18
C LEU A 390 19.74 -22.56 -6.47
N SER A 391 20.93 -21.94 -6.49
CA SER A 391 21.05 -20.55 -6.89
C SER A 391 20.62 -20.34 -8.34
N ASN A 392 20.84 -21.34 -9.19
CA ASN A 392 20.42 -21.24 -10.58
C ASN A 392 18.91 -21.29 -10.70
N MET A 393 18.26 -22.15 -9.92
CA MET A 393 16.80 -22.23 -9.94
C MET A 393 16.17 -20.91 -9.54
N ILE A 394 16.72 -20.27 -8.51
CA ILE A 394 16.24 -18.95 -8.09
C ILE A 394 16.42 -17.94 -9.21
N MET A 395 17.50 -18.08 -9.99
CA MET A 395 17.73 -17.16 -11.10
C MET A 395 16.63 -17.31 -12.16
N GLN A 396 16.26 -18.56 -12.47
CA GLN A 396 15.25 -18.79 -13.49
C GLN A 396 13.92 -18.13 -13.10
N LEU A 397 13.54 -18.23 -11.82
CA LEU A 397 12.33 -17.56 -11.37
C LEU A 397 12.46 -16.05 -11.49
N ARG A 398 13.67 -15.52 -11.33
CA ARG A 398 13.85 -14.07 -11.40
C ARG A 398 13.81 -13.57 -12.83
N LYS A 399 14.32 -14.34 -13.77
CA LYS A 399 14.14 -14.01 -15.19
C LYS A 399 12.66 -13.87 -15.52
N LEU A 400 11.86 -14.83 -15.06
CA LEU A 400 10.42 -14.81 -15.32
C LEU A 400 9.78 -13.55 -14.78
N CYS A 401 10.06 -13.21 -13.52
CA CYS A 401 9.46 -12.04 -12.89
C CYS A 401 9.80 -10.78 -13.64
N ASN A 402 10.98 -10.74 -14.27
CA ASN A 402 11.38 -9.56 -15.02
C ASN A 402 10.72 -9.52 -16.39
N HIS A 403 10.87 -10.59 -17.19
CA HIS A 403 10.20 -10.68 -18.47
C HIS A 403 10.27 -12.09 -19.03
N PRO A 404 9.14 -12.69 -19.39
CA PRO A 404 9.17 -14.03 -19.98
C PRO A 404 10.01 -14.12 -21.23
N PHE A 405 10.15 -13.02 -21.99
CA PHE A 405 10.85 -13.10 -23.26
C PHE A 405 12.37 -13.17 -23.10
N VAL A 406 12.92 -13.16 -21.88
CA VAL A 406 14.35 -13.41 -21.74
C VAL A 406 14.68 -14.85 -22.05
N PHE A 407 13.70 -15.74 -21.95
CA PHE A 407 13.87 -17.10 -22.45
C PHE A 407 13.63 -17.10 -23.95
N ASP A 408 14.65 -17.44 -24.73
CA ASP A 408 14.54 -17.39 -26.19
C ASP A 408 13.41 -18.27 -26.69
N GLU A 409 13.27 -19.46 -26.11
CA GLU A 409 12.21 -20.38 -26.55
C GLU A 409 10.83 -19.78 -26.34
N VAL A 410 10.61 -19.13 -25.19
CA VAL A 410 9.32 -18.50 -24.95
C VAL A 410 9.07 -17.39 -25.96
N GLU A 411 10.12 -16.63 -26.29
CA GLU A 411 9.96 -15.54 -27.25
C GLU A 411 9.63 -16.08 -28.63
N ASN A 412 10.23 -17.22 -29.00
CA ASN A 412 9.99 -17.78 -30.33
C ASN A 412 8.57 -18.32 -30.45
N GLN A 413 8.08 -18.96 -29.39
CA GLN A 413 6.73 -19.50 -29.43
C GLN A 413 5.69 -18.39 -29.36
N MET A 414 5.92 -17.37 -28.53
CA MET A 414 4.92 -16.33 -28.31
C MET A 414 5.00 -15.23 -29.36
N ASN A 415 6.17 -14.99 -29.94
CA ASN A 415 6.37 -13.91 -30.90
C ASN A 415 7.12 -14.44 -32.12
N PRO A 416 6.53 -15.42 -32.82
CA PRO A 416 7.24 -16.03 -33.96
C PRO A 416 7.59 -15.04 -35.06
N ALA A 417 6.77 -14.00 -35.25
CA ALA A 417 7.09 -12.97 -36.23
C ALA A 417 8.31 -12.14 -35.85
N ASN A 418 8.81 -12.28 -34.62
CA ASN A 418 10.00 -11.59 -34.13
C ASN A 418 9.95 -10.10 -34.44
N VAL A 419 8.90 -9.46 -33.93
CA VAL A 419 8.62 -8.06 -34.20
C VAL A 419 8.19 -7.42 -32.89
N SER A 420 8.30 -6.10 -32.79
CA SER A 420 7.98 -5.35 -31.59
C SER A 420 6.52 -4.90 -31.65
N ASN A 421 5.73 -5.36 -30.68
CA ASN A 421 4.31 -5.09 -30.67
C ASN A 421 3.83 -5.10 -29.22
N ASP A 422 2.51 -5.14 -29.04
CA ASP A 422 1.94 -5.07 -27.69
C ASP A 422 2.29 -6.28 -26.83
N LEU A 423 2.79 -7.36 -27.42
CA LEU A 423 3.29 -8.48 -26.61
C LEU A 423 4.40 -8.05 -25.66
N LEU A 424 5.14 -6.99 -26.00
CA LEU A 424 6.26 -6.59 -25.16
C LEU A 424 5.78 -6.23 -23.75
N TRP A 425 4.60 -5.61 -23.63
CA TRP A 425 4.11 -5.18 -22.34
C TRP A 425 2.90 -5.96 -21.84
N ARG A 426 2.15 -6.63 -22.73
CA ARG A 426 1.04 -7.45 -22.26
C ARG A 426 1.51 -8.74 -21.58
N THR A 427 2.73 -9.20 -21.86
CA THR A 427 3.21 -10.45 -21.29
C THR A 427 4.01 -10.29 -20.00
N ALA A 428 4.35 -9.06 -19.57
CA ALA A 428 5.16 -8.85 -18.37
C ALA A 428 4.51 -7.78 -17.50
N GLY A 429 4.11 -8.18 -16.29
CA GLY A 429 3.41 -7.26 -15.42
C GLY A 429 4.15 -5.96 -15.18
N LYS A 430 5.48 -6.00 -15.16
CA LYS A 430 6.22 -4.76 -14.90
C LYS A 430 6.17 -3.83 -16.10
N PHE A 431 6.29 -4.39 -17.32
CA PHE A 431 6.17 -3.57 -18.52
C PHE A 431 4.78 -2.98 -18.67
N GLU A 432 3.75 -3.77 -18.33
CA GLU A 432 2.38 -3.25 -18.42
C GLU A 432 2.18 -2.09 -17.46
N LEU A 433 2.80 -2.16 -16.29
CA LEU A 433 2.77 -1.03 -15.36
C LEU A 433 3.53 0.16 -15.92
N LEU A 434 4.76 -0.06 -16.39
CA LEU A 434 5.55 1.02 -16.96
C LEU A 434 4.83 1.67 -18.14
N ASP A 435 4.12 0.87 -18.93
CA ASP A 435 3.38 1.42 -20.07
C ASP A 435 2.35 2.45 -19.63
N ARG A 436 1.82 2.31 -18.40
CA ARG A 436 0.87 3.30 -17.88
C ARG A 436 1.54 4.51 -17.24
N ILE A 437 2.62 4.31 -16.47
CA ILE A 437 3.13 5.41 -15.66
C ILE A 437 4.26 6.20 -16.32
N LEU A 438 5.04 5.59 -17.22
CA LEU A 438 6.04 6.37 -17.94
C LEU A 438 5.44 7.55 -18.69
N PRO A 439 4.32 7.43 -19.41
CA PRO A 439 3.72 8.63 -20.03
C PRO A 439 3.29 9.67 -19.03
N LYS A 440 2.85 9.26 -17.83
CA LYS A 440 2.46 10.22 -16.82
C LYS A 440 3.65 11.06 -16.37
N TYR A 441 4.81 10.42 -16.18
CA TYR A 441 6.01 11.17 -15.84
C TYR A 441 6.42 12.09 -16.98
N LYS A 442 6.48 11.54 -18.21
CA LYS A 442 6.82 12.35 -19.37
C LYS A 442 5.91 13.56 -19.51
N ALA A 443 4.61 13.38 -19.27
CA ALA A 443 3.65 14.47 -19.40
C ALA A 443 3.74 15.49 -18.28
N THR A 444 4.52 15.24 -17.22
CA THR A 444 4.64 16.18 -16.12
C THR A 444 6.07 16.66 -15.93
N GLY A 445 6.91 16.56 -16.96
CA GLY A 445 8.22 17.15 -16.96
C GLY A 445 9.31 16.40 -16.23
N HIS A 446 9.03 15.17 -15.79
CA HIS A 446 10.02 14.44 -15.01
C HIS A 446 10.91 13.58 -15.92
N ARG A 447 12.03 13.14 -15.36
CA ARG A 447 13.01 12.36 -16.09
C ARG A 447 13.43 11.18 -15.24
N VAL A 448 13.51 10.01 -15.85
CA VAL A 448 13.55 8.74 -15.14
C VAL A 448 14.89 8.05 -15.33
N LEU A 449 15.50 7.63 -14.23
CA LEU A 449 16.59 6.67 -14.24
C LEU A 449 16.01 5.30 -13.92
N MET A 450 16.43 4.29 -14.68
CA MET A 450 15.96 2.92 -14.50
C MET A 450 17.15 2.00 -14.29
N PHE A 451 17.21 1.35 -13.14
CA PHE A 451 18.30 0.45 -12.81
C PHE A 451 17.88 -0.99 -13.04
N PHE A 452 18.80 -1.77 -13.60
CA PHE A 452 18.56 -3.18 -13.87
C PHE A 452 19.69 -4.00 -13.28
N GLN A 453 19.34 -5.13 -12.65
CA GLN A 453 20.35 -6.12 -12.29
C GLN A 453 20.67 -7.02 -13.46
N MET A 454 19.65 -7.48 -14.18
CA MET A 454 19.81 -8.33 -15.36
C MET A 454 19.99 -7.47 -16.59
N THR A 455 21.17 -7.56 -17.22
CA THR A 455 21.41 -6.82 -18.45
C THR A 455 20.45 -7.27 -19.55
N ALA A 456 20.06 -8.55 -19.54
CA ALA A 456 19.26 -9.09 -20.64
C ALA A 456 17.90 -8.41 -20.74
N ILE A 457 17.37 -7.90 -19.62
CA ILE A 457 16.08 -7.20 -19.65
C ILE A 457 16.22 -5.84 -20.32
N MET A 458 17.42 -5.24 -20.26
CA MET A 458 17.62 -3.93 -20.86
C MET A 458 17.39 -3.96 -22.37
N ASP A 459 17.77 -5.06 -23.03
CA ASP A 459 17.49 -5.21 -24.45
C ASP A 459 15.99 -5.19 -24.71
N ILE A 460 15.22 -5.94 -23.91
CA ILE A 460 13.77 -5.97 -24.11
C ILE A 460 13.16 -4.61 -23.81
N MET A 461 13.69 -3.93 -22.80
CA MET A 461 13.20 -2.59 -22.46
C MET A 461 13.45 -1.63 -23.62
N GLU A 462 14.62 -1.74 -24.26
CA GLU A 462 14.92 -0.91 -25.42
C GLU A 462 13.89 -1.12 -26.52
N ASP A 463 13.58 -2.38 -26.84
CA ASP A 463 12.54 -2.69 -27.82
C ASP A 463 11.23 -2.03 -27.46
N PHE A 464 10.85 -2.10 -26.19
CA PHE A 464 9.58 -1.53 -25.76
C PHE A 464 9.59 -0.01 -25.84
N LEU A 465 10.65 0.63 -25.31
CA LEU A 465 10.73 2.09 -25.36
C LEU A 465 10.70 2.60 -26.80
N ARG A 466 11.50 2.01 -27.68
CA ARG A 466 11.45 2.40 -29.09
C ARG A 466 10.05 2.23 -29.64
N PHE A 467 9.41 1.13 -29.28
CA PHE A 467 8.07 0.85 -29.80
C PHE A 467 7.07 1.90 -29.35
N ARG A 468 7.22 2.41 -28.12
CA ARG A 468 6.39 3.49 -27.61
C ARG A 468 6.89 4.88 -27.99
N GLY A 469 8.04 4.97 -28.67
CA GLY A 469 8.60 6.27 -29.00
C GLY A 469 9.14 7.07 -27.83
N LEU A 470 9.66 6.40 -26.80
CA LEU A 470 10.23 7.07 -25.64
C LEU A 470 11.73 7.14 -25.78
N HIS A 471 12.30 8.35 -25.71
CA HIS A 471 13.72 8.54 -25.97
C HIS A 471 14.54 8.26 -24.73
N TYR A 472 15.57 7.44 -24.88
CA TYR A 472 16.37 6.97 -23.75
C TYR A 472 17.83 6.95 -24.15
N LEU A 473 18.69 6.92 -23.14
CA LEU A 473 20.08 6.53 -23.26
C LEU A 473 20.31 5.27 -22.44
N ARG A 474 21.39 4.56 -22.73
CA ARG A 474 21.68 3.32 -22.02
C ARG A 474 23.16 3.25 -21.67
N LEU A 475 23.45 2.76 -20.47
CA LEU A 475 24.82 2.62 -19.98
C LEU A 475 24.93 1.33 -19.18
N ASP A 476 25.91 0.50 -19.54
CA ASP A 476 26.17 -0.72 -18.78
C ASP A 476 27.68 -0.97 -18.77
N GLY A 477 28.08 -2.14 -18.27
CA GLY A 477 29.48 -2.50 -18.18
C GLY A 477 30.19 -2.64 -19.51
N THR A 478 29.44 -2.75 -20.60
CA THR A 478 30.01 -2.79 -21.94
C THR A 478 30.45 -1.42 -22.41
N THR A 479 29.87 -0.36 -21.84
CA THR A 479 30.12 1.00 -22.32
C THR A 479 31.56 1.39 -22.07
N LYS A 480 32.20 1.91 -23.12
CA LYS A 480 33.58 2.38 -23.00
C LYS A 480 33.65 3.61 -22.09
N SER A 481 34.82 3.80 -21.50
CA SER A 481 34.97 4.83 -20.47
C SER A 481 34.65 6.22 -21.01
N GLU A 482 35.10 6.53 -22.22
CA GLU A 482 34.84 7.86 -22.76
C GLU A 482 33.39 8.02 -23.18
N ASP A 483 32.70 6.91 -23.51
CA ASP A 483 31.27 7.00 -23.82
C ASP A 483 30.45 7.28 -22.56
N ARG A 484 30.84 6.70 -21.42
CA ARG A 484 30.08 6.91 -20.19
C ARG A 484 29.95 8.40 -19.88
N SER A 485 31.06 9.13 -19.98
CA SER A 485 31.03 10.57 -19.70
C SER A 485 30.16 11.29 -20.69
N GLU A 486 30.21 10.89 -21.97
CA GLU A 486 29.43 11.60 -22.98
C GLU A 486 27.95 11.34 -22.80
N LEU A 487 27.58 10.09 -22.48
CA LEU A 487 26.18 9.80 -22.18
C LEU A 487 25.68 10.62 -20.98
N LEU A 488 26.48 10.70 -19.91
CA LEU A 488 26.10 11.51 -18.77
C LEU A 488 25.95 12.98 -19.16
N ARG A 489 26.94 13.53 -19.87
CA ARG A 489 26.88 14.92 -20.29
C ARG A 489 25.61 15.22 -21.10
N GLN A 490 25.26 14.32 -22.02
CA GLN A 490 24.05 14.54 -22.81
C GLN A 490 22.81 14.52 -21.94
N PHE A 491 22.71 13.53 -21.04
CA PHE A 491 21.51 13.43 -20.22
C PHE A 491 21.36 14.63 -19.29
N ASN A 492 22.48 15.15 -18.77
CA ASN A 492 22.42 16.26 -17.83
C ASN A 492 22.13 17.59 -18.51
N GLN A 493 22.02 17.63 -19.83
CA GLN A 493 21.83 18.89 -20.52
C GLN A 493 20.45 19.48 -20.19
N PRO A 494 20.33 20.81 -20.21
CA PRO A 494 19.06 21.44 -19.82
C PRO A 494 17.88 21.01 -20.68
N ASP A 495 18.06 21.00 -21.99
CA ASP A 495 17.00 20.72 -22.95
C ASP A 495 17.18 19.35 -23.61
N SER A 496 17.65 18.37 -22.84
CA SER A 496 17.93 17.05 -23.40
C SER A 496 16.64 16.40 -23.89
N PRO A 497 16.61 15.89 -25.13
CA PRO A 497 15.43 15.15 -25.59
C PRO A 497 15.29 13.78 -24.96
N TYR A 498 16.24 13.38 -24.11
CA TYR A 498 16.26 12.03 -23.55
C TYR A 498 15.43 12.01 -22.28
N PHE A 499 14.32 11.28 -22.33
CA PHE A 499 13.41 11.19 -21.21
C PHE A 499 13.91 10.22 -20.14
N MET A 500 14.62 9.16 -20.55
CA MET A 500 14.98 8.07 -19.66
C MET A 500 16.44 7.72 -19.81
N PHE A 501 16.97 7.12 -18.75
CA PHE A 501 18.34 6.61 -18.71
C PHE A 501 18.27 5.18 -18.21
N LEU A 502 18.63 4.23 -19.07
CA LEU A 502 18.68 2.82 -18.68
C LEU A 502 20.08 2.52 -18.17
N LEU A 503 20.16 2.07 -16.92
CA LEU A 503 21.44 1.91 -16.24
C LEU A 503 21.54 0.52 -15.64
N SER A 504 22.63 -0.18 -15.94
CA SER A 504 22.96 -1.42 -15.24
C SER A 504 23.53 -1.11 -13.86
N THR A 505 23.05 -1.81 -12.84
CA THR A 505 23.50 -1.56 -11.48
C THR A 505 24.96 -1.94 -11.26
N ARG A 506 25.56 -2.72 -12.17
CA ARG A 506 26.96 -3.09 -12.01
C ARG A 506 27.89 -1.96 -12.43
N ALA A 507 27.57 -1.27 -13.51
CA ALA A 507 28.39 -0.15 -13.97
C ALA A 507 28.20 1.07 -13.08
N LEU A 512 27.92 8.10 -9.98
CA LEU A 512 27.34 8.79 -11.14
C LEU A 512 26.49 9.97 -10.71
N ASN A 513 26.63 11.09 -11.42
CA ASN A 513 25.95 12.34 -11.08
C ASN A 513 24.83 12.57 -12.10
N LEU A 514 23.64 12.09 -11.77
CA LEU A 514 22.46 12.25 -12.62
C LEU A 514 21.44 13.09 -11.86
N GLN A 515 21.72 14.39 -11.76
CA GLN A 515 20.90 15.28 -10.95
C GLN A 515 19.90 16.09 -11.76
N THR A 516 19.73 15.77 -13.04
CA THR A 516 18.63 16.29 -13.82
C THR A 516 17.44 15.33 -13.84
N ALA A 517 17.53 14.21 -13.16
CA ALA A 517 16.45 13.24 -13.03
C ALA A 517 16.00 13.19 -11.57
N ASP A 518 14.69 13.33 -11.35
CA ASP A 518 14.12 13.32 -10.02
C ASP A 518 13.32 12.05 -9.74
N THR A 519 13.31 11.10 -10.67
CA THR A 519 12.49 9.91 -10.56
C THR A 519 13.35 8.69 -10.87
N VAL A 520 13.30 7.69 -10.00
CA VAL A 520 14.18 6.54 -10.07
C VAL A 520 13.33 5.29 -9.98
N ILE A 521 13.51 4.38 -10.93
CA ILE A 521 12.80 3.11 -10.94
C ILE A 521 13.83 1.99 -10.85
N ILE A 522 13.76 1.22 -9.77
CA ILE A 522 14.61 0.06 -9.57
C ILE A 522 13.83 -1.14 -10.11
N TYR A 523 14.18 -1.58 -11.31
CA TYR A 523 13.39 -2.60 -11.99
C TYR A 523 13.39 -3.92 -11.21
N ASP A 524 14.57 -4.32 -10.72
CA ASP A 524 14.74 -5.55 -9.96
C ASP A 524 15.91 -5.34 -9.01
N SER A 525 16.21 -6.35 -8.21
CA SER A 525 17.36 -6.25 -7.30
C SER A 525 17.86 -7.63 -6.92
N ASP A 526 19.00 -7.65 -6.22
CA ASP A 526 19.58 -8.88 -5.69
C ASP A 526 19.38 -8.98 -4.19
N ILE A 542 21.37 12.07 -7.55
CA ILE A 542 20.09 12.14 -8.24
C ILE A 542 19.20 13.25 -7.65
N GLY A 543 18.85 14.22 -8.48
CA GLY A 543 17.96 15.30 -8.06
C GLY A 543 18.70 16.51 -7.54
N GLN A 544 18.10 17.68 -7.78
CA GLN A 544 18.65 18.97 -7.36
C GLN A 544 17.52 19.79 -6.74
N LYS A 545 17.48 19.84 -5.41
CA LYS A 545 16.46 20.57 -4.65
C LYS A 545 15.05 20.02 -4.91
N ASN A 546 14.96 18.94 -5.66
CA ASN A 546 13.67 18.41 -6.11
C ASN A 546 13.25 17.22 -5.26
N GLU A 547 11.94 17.06 -5.11
CA GLU A 547 11.37 15.84 -4.56
C GLU A 547 11.79 14.66 -5.41
N VAL A 548 12.75 13.88 -4.95
CA VAL A 548 13.17 12.68 -5.67
C VAL A 548 12.31 11.52 -5.22
N ARG A 549 11.73 10.79 -6.18
CA ARG A 549 10.88 9.66 -5.89
C ARG A 549 11.56 8.40 -6.40
N ILE A 550 11.59 7.36 -5.57
CA ILE A 550 12.20 6.09 -5.90
C ILE A 550 11.11 5.01 -5.88
N LEU A 551 10.99 4.28 -6.97
CA LEU A 551 10.03 3.19 -7.09
C LEU A 551 10.80 1.88 -7.19
N ARG A 552 10.37 0.90 -6.41
CA ARG A 552 10.95 -0.44 -6.43
C ARG A 552 9.88 -1.42 -6.92
N LEU A 553 10.05 -1.94 -8.13
CA LEU A 553 9.06 -2.84 -8.71
C LEU A 553 9.27 -4.26 -8.21
N ILE A 554 8.21 -4.89 -7.72
CA ILE A 554 8.28 -6.21 -7.12
C ILE A 554 7.07 -7.03 -7.56
N SER A 555 7.32 -8.23 -8.08
CA SER A 555 6.21 -9.09 -8.49
C SER A 555 5.52 -9.71 -7.29
N SER A 556 4.20 -9.56 -7.23
CA SER A 556 3.43 -10.08 -6.10
C SER A 556 3.59 -11.60 -5.99
N ALA A 557 3.75 -12.07 -4.76
CA ALA A 557 3.74 -13.51 -4.45
C ALA A 557 4.89 -14.25 -5.12
N SER A 558 6.02 -13.59 -5.33
CA SER A 558 7.10 -14.17 -6.11
C SER A 558 8.37 -14.22 -5.29
N VAL A 559 9.36 -14.92 -5.85
CA VAL A 559 10.70 -14.97 -5.27
C VAL A 559 11.28 -13.58 -5.08
N GLU A 560 10.76 -12.57 -5.80
CA GLU A 560 11.24 -11.21 -5.58
C GLU A 560 10.86 -10.68 -4.20
N GLU A 561 9.70 -11.08 -3.68
CA GLU A 561 9.31 -10.70 -2.33
C GLU A 561 10.27 -11.30 -1.30
N LYS A 562 10.59 -12.59 -1.45
CA LYS A 562 11.50 -13.23 -0.52
C LYS A 562 12.88 -12.58 -0.56
N ILE A 563 13.35 -12.22 -1.75
CA ILE A 563 14.65 -11.59 -1.86
C ILE A 563 14.67 -10.23 -1.19
N LEU A 564 13.56 -9.48 -1.27
CA LEU A 564 13.52 -8.19 -0.62
C LEU A 564 13.52 -8.29 0.90
N GLU A 565 13.41 -9.50 1.45
CA GLU A 565 13.47 -9.71 2.90
C GLU A 565 14.87 -10.18 3.36
N GLY A 609 -7.83 -13.74 -3.25
CA GLY A 609 -8.30 -13.09 -2.03
C GLY A 609 -8.26 -11.58 -2.12
N GLU A 610 -7.51 -10.95 -1.21
CA GLU A 610 -7.33 -9.50 -1.19
C GLU A 610 -6.51 -9.04 -2.40
N GLN A 611 -6.68 -7.78 -2.78
CA GLN A 611 -6.02 -7.25 -3.97
C GLN A 611 -4.53 -7.10 -3.73
N GLU A 612 -3.73 -7.88 -4.47
CA GLU A 612 -2.28 -7.88 -4.30
C GLU A 612 -1.64 -6.55 -4.73
N GLU A 613 -2.25 -5.85 -5.68
CA GLU A 613 -1.71 -4.61 -6.23
C GLU A 613 -2.71 -3.49 -5.98
N MET A 614 -2.33 -2.27 -6.39
CA MET A 614 -3.23 -1.13 -6.26
C MET A 614 -3.64 -0.65 -7.65
N ASP A 615 -4.82 -0.03 -7.71
CA ASP A 615 -5.40 0.38 -8.98
C ASP A 615 -4.78 1.70 -9.44
N ASP A 616 -5.31 2.27 -10.53
CA ASP A 616 -4.72 3.46 -11.11
C ASP A 616 -4.88 4.68 -10.20
N ASP A 617 -6.03 4.80 -9.54
CA ASP A 617 -6.28 5.96 -8.69
C ASP A 617 -5.32 6.01 -7.51
N GLU A 618 -5.22 4.89 -6.77
CA GLU A 618 -4.27 4.82 -5.67
C GLU A 618 -2.85 5.02 -6.18
N LEU A 619 -2.54 4.45 -7.34
CA LEU A 619 -1.23 4.65 -7.94
C LEU A 619 -0.99 6.12 -8.25
N ASN A 620 -1.99 6.81 -8.83
CA ASN A 620 -1.84 8.24 -9.07
C ASN A 620 -1.57 8.99 -7.77
N MET A 621 -2.12 8.51 -6.66
CA MET A 621 -2.02 9.25 -5.40
C MET A 621 -0.60 9.26 -4.87
N ILE A 622 0.14 8.18 -5.07
CA ILE A 622 1.48 8.06 -4.51
C ILE A 622 2.56 8.41 -5.51
N LEU A 623 2.23 8.53 -6.80
CA LEU A 623 3.20 8.95 -7.80
C LEU A 623 3.13 10.43 -8.09
N ALA A 624 1.97 11.05 -7.96
CA ALA A 624 1.86 12.48 -8.25
C ALA A 624 2.48 13.27 -7.12
N ARG A 625 3.15 14.37 -7.47
CA ARG A 625 3.84 15.19 -6.49
C ARG A 625 2.99 16.35 -5.97
N ASN A 626 2.07 16.86 -6.78
CA ASN A 626 1.20 17.95 -6.36
C ASN A 626 -0.20 17.69 -6.92
N GLU A 627 -1.04 18.72 -6.93
CA GLU A 627 -2.39 18.61 -7.45
C GLU A 627 -2.46 18.86 -8.95
N GLU A 628 -1.57 19.70 -9.49
CA GLU A 628 -1.53 19.91 -10.93
C GLU A 628 -1.15 18.64 -11.68
N GLU A 629 -0.27 17.82 -11.10
CA GLU A 629 0.13 16.58 -11.75
C GLU A 629 -0.95 15.51 -11.63
N LEU A 630 -1.58 15.40 -10.45
CA LEU A 630 -2.63 14.40 -10.28
C LEU A 630 -3.75 14.60 -11.29
N ALA A 631 -4.06 15.85 -11.62
CA ALA A 631 -5.03 16.11 -12.68
C ALA A 631 -4.52 15.61 -14.02
N ILE A 632 -3.25 15.87 -14.33
CA ILE A 632 -2.67 15.39 -15.58
C ILE A 632 -2.70 13.87 -15.63
N PHE A 633 -2.36 13.22 -14.51
CA PHE A 633 -2.38 11.76 -14.46
C PHE A 633 -3.77 11.22 -14.75
N GLN A 634 -4.80 11.82 -14.12
CA GLN A 634 -6.17 11.36 -14.32
C GLN A 634 -6.67 11.63 -15.73
N LYS A 635 -6.27 12.75 -16.33
CA LYS A 635 -6.67 13.02 -17.71
C LYS A 635 -6.15 11.93 -18.65
N LEU A 636 -4.91 11.48 -18.44
CA LEU A 636 -4.37 10.39 -19.25
C LEU A 636 -5.10 9.09 -18.98
N ASP A 637 -5.53 8.84 -17.74
CA ASP A 637 -6.27 7.63 -17.45
C ASP A 637 -7.61 7.60 -18.17
N GLU A 638 -8.22 8.77 -18.39
CA GLU A 638 -9.48 8.82 -19.13
C GLU A 638 -9.25 8.70 -20.63
N GLU A 639 -8.13 9.23 -21.13
CA GLU A 639 -7.80 9.02 -22.53
C GLU A 639 -7.58 7.54 -22.83
N ARG A 640 -6.91 6.82 -21.92
CA ARG A 640 -6.79 5.37 -22.06
C ARG A 640 -8.15 4.70 -21.96
N SER A 641 -9.04 5.25 -21.14
CA SER A 641 -10.38 4.71 -20.99
C SER A 641 -11.16 4.69 -22.30
N ARG A 642 -10.78 5.55 -23.25
CA ARG A 642 -11.43 5.61 -24.55
C ARG A 642 -10.53 5.06 -25.67
N ASP A 643 -9.56 4.23 -25.32
CA ASP A 643 -8.74 3.58 -26.33
C ASP A 643 -9.58 2.54 -27.08
N PRO A 644 -9.52 2.51 -28.42
CA PRO A 644 -10.38 1.56 -29.16
C PRO A 644 -10.12 0.10 -28.83
N ILE A 645 -8.87 -0.26 -28.51
CA ILE A 645 -8.51 -1.65 -28.21
C ILE A 645 -8.73 -1.94 -26.73
N TYR A 646 -8.02 -1.22 -25.85
CA TYR A 646 -7.97 -1.54 -24.44
C TYR A 646 -8.95 -0.74 -23.58
N GLY A 647 -9.61 0.27 -24.14
CA GLY A 647 -10.50 1.09 -23.35
C GLY A 647 -11.75 0.36 -22.89
N THR A 648 -12.34 0.88 -21.82
CA THR A 648 -13.58 0.34 -21.27
C THR A 648 -14.77 1.26 -21.51
N ALA A 649 -14.60 2.32 -22.29
CA ALA A 649 -15.71 3.16 -22.68
C ALA A 649 -16.62 2.40 -23.66
N PRO A 650 -17.87 2.82 -23.80
CA PRO A 650 -18.74 2.22 -24.81
C PRO A 650 -18.17 2.43 -26.20
N GLY A 651 -18.27 1.39 -27.03
CA GLY A 651 -17.65 1.39 -28.33
C GLY A 651 -16.19 0.96 -28.34
N CYS A 652 -15.64 0.56 -27.19
CA CYS A 652 -14.27 0.08 -27.09
C CYS A 652 -14.27 -1.42 -26.84
N GLN A 653 -13.22 -2.08 -27.34
CA GLN A 653 -13.17 -3.54 -27.30
C GLN A 653 -13.07 -4.09 -25.89
N GLY A 654 -12.47 -3.33 -24.97
CA GLY A 654 -12.29 -3.82 -23.62
C GLY A 654 -11.29 -4.94 -23.49
N VAL A 655 -10.36 -5.04 -24.43
CA VAL A 655 -9.31 -6.08 -24.38
C VAL A 655 -8.51 -5.92 -23.10
N PRO A 656 -8.22 -6.99 -22.38
CA PRO A 656 -7.44 -6.87 -21.13
C PRO A 656 -6.01 -6.43 -21.43
N ARG A 657 -5.46 -5.62 -20.52
CA ARG A 657 -4.10 -5.11 -20.73
C ARG A 657 -3.07 -6.21 -20.53
N LEU A 658 -3.23 -7.03 -19.50
CA LEU A 658 -2.36 -8.17 -19.30
C LEU A 658 -2.88 -9.38 -20.04
N MET A 659 -1.97 -10.17 -20.59
CA MET A 659 -2.38 -11.35 -21.31
C MET A 659 -3.13 -12.31 -20.38
N THR A 660 -4.23 -12.88 -20.89
CA THR A 660 -5.12 -13.75 -20.15
C THR A 660 -4.92 -15.21 -20.56
N GLU A 661 -5.52 -16.08 -19.76
CA GLU A 661 -5.35 -17.53 -19.94
C GLU A 661 -5.87 -18.00 -21.29
N ASP A 662 -7.00 -17.44 -21.75
CA ASP A 662 -7.58 -17.86 -23.04
C ASP A 662 -6.67 -17.52 -24.22
N GLU A 663 -5.77 -16.55 -24.08
CA GLU A 663 -4.89 -16.21 -25.19
C GLU A 663 -3.75 -17.19 -25.36
N LEU A 664 -3.55 -18.10 -24.40
CA LEU A 664 -2.42 -19.03 -24.40
C LEU A 664 -2.81 -20.36 -25.03
N PRO A 665 -1.92 -20.96 -25.80
CA PRO A 665 -2.13 -22.34 -26.26
C PRO A 665 -1.80 -23.31 -25.12
N ASP A 666 -1.94 -24.61 -25.38
CA ASP A 666 -1.63 -25.64 -24.38
C ASP A 666 -0.11 -25.80 -24.26
N ILE A 667 0.54 -24.78 -23.72
CA ILE A 667 1.96 -24.84 -23.43
C ILE A 667 2.17 -24.55 -21.95
N TYR A 668 3.25 -25.12 -21.41
CA TYR A 668 3.69 -24.89 -20.03
C TYR A 668 2.56 -25.11 -19.02
N LEU A 669 1.85 -26.22 -19.15
CA LEU A 669 0.81 -26.55 -18.18
C LEU A 669 1.04 -27.91 -17.54
N PRO A 674 7.82 -34.67 -18.21
CA PRO A 674 6.79 -34.50 -19.23
C PRO A 674 7.34 -33.88 -20.51
N VAL A 675 7.96 -32.70 -20.40
CA VAL A 675 8.62 -32.02 -21.52
C VAL A 675 10.01 -31.60 -21.04
N GLU A 676 11.04 -32.04 -21.75
CA GLU A 676 12.41 -31.93 -21.25
C GLU A 676 12.94 -30.50 -21.34
N GLU A 677 12.77 -29.84 -22.49
CA GLU A 677 13.27 -28.46 -22.65
C GLU A 677 12.69 -27.51 -21.61
N GLU A 678 11.53 -27.84 -21.05
CA GLU A 678 10.91 -27.02 -20.02
C GLU A 678 11.45 -27.31 -18.62
N VAL A 679 12.17 -28.41 -18.43
CA VAL A 679 12.83 -28.64 -17.14
C VAL A 679 14.22 -27.99 -17.10
N GLU A 680 14.97 -28.04 -18.20
CA GLU A 680 16.21 -27.26 -18.27
C GLU A 680 15.93 -25.79 -18.03
N MET A 681 14.82 -25.28 -18.58
CA MET A 681 14.41 -23.92 -18.31
C MET A 681 14.26 -23.66 -16.81
N ALA A 682 13.71 -24.64 -16.08
CA ALA A 682 13.39 -24.43 -14.67
C ALA A 682 14.64 -24.38 -13.80
N LEU A 683 15.67 -25.17 -14.13
CA LEU A 683 16.87 -25.27 -13.30
C LEU A 683 18.13 -24.73 -13.98
N GLY A 684 18.03 -24.21 -15.20
CA GLY A 684 19.18 -23.83 -16.01
C GLY A 684 20.38 -23.20 -15.35
#